data_2QLU
#
_entry.id   2QLU
#
_cell.length_a   98.217
_cell.length_b   98.217
_cell.length_c   71.345
_cell.angle_alpha   90.00
_cell.angle_beta   90.00
_cell.angle_gamma   90.00
#
_symmetry.space_group_name_H-M   'P 43 21 2'
#
loop_
_entity.id
_entity.type
_entity.pdbx_description
1 polymer 'Activin receptor type IIB'
2 non-polymer 'SULFATE ION'
3 non-polymer ADENINE
4 water water
#
_entity_poly.entity_id   1
_entity_poly.type   'polypeptide(L)'
_entity_poly.pdbx_seq_one_letter_code
;MHHHHHHSSGLVPRGSLQLLEIKARGRFGCVWKAQLMNDFVAVKIFPLQDKQSWQSEREIFSTPGMKHENLLQFIAAEKR
GSNLEVELWLITAFHDKGSLTDYLKGNIITWNELCHVAETMSRGLSYLHEDVPWCRGEGHKPSIAHRDFKSKNVLLKSDL
TAVLADFGLAVRFEPGKPPGDTHGQVGTRRYMAPEVLEGAINFQRDAFLRIDMYAMGLVLWELVSRCKAADGPVDEYMLP
FEEEIGQHPSLEELQEVVVHKKMRPTIKDHWLKHPGLAQLCVTIEECWDHDAEARLSAGCVEERVSLIRRSVNG
;
_entity_poly.pdbx_strand_id   A
#
# COMPACT_ATOMS: atom_id res chain seq x y z
N GLY A 15 3.19 -4.25 -31.26
CA GLY A 15 3.37 -5.13 -30.01
C GLY A 15 2.88 -6.59 -30.14
N SER A 16 3.25 -7.47 -29.18
CA SER A 16 2.35 -8.68 -29.09
C SER A 16 1.58 -8.30 -27.88
N LEU A 17 1.81 -7.08 -27.43
CA LEU A 17 0.95 -6.63 -26.37
C LEU A 17 -0.47 -6.53 -26.90
N GLN A 18 -1.32 -7.35 -26.31
CA GLN A 18 -2.73 -7.37 -26.64
C GLN A 18 -3.52 -7.11 -25.35
N LEU A 19 -4.20 -5.98 -25.29
CA LEU A 19 -5.11 -5.64 -24.15
C LEU A 19 -6.33 -6.56 -24.14
N LEU A 20 -6.80 -6.92 -22.96
CA LEU A 20 -7.79 -7.97 -22.79
C LEU A 20 -8.98 -7.40 -22.05
N GLU A 21 -8.82 -7.03 -20.81
CA GLU A 21 -9.96 -6.54 -20.02
C GLU A 21 -9.51 -5.53 -18.95
N ILE A 22 -10.39 -4.63 -18.51
CA ILE A 22 -10.07 -3.77 -17.37
C ILE A 22 -10.11 -4.52 -16.04
N LYS A 23 -9.00 -4.41 -15.28
CA LYS A 23 -8.87 -5.06 -13.96
C LYS A 23 -9.08 -4.13 -12.76
N ALA A 24 -8.46 -2.95 -12.84
CA ALA A 24 -8.58 -1.90 -11.81
C ALA A 24 -8.70 -0.54 -12.47
N ARG A 25 -9.60 0.27 -11.95
CA ARG A 25 -9.62 1.68 -12.27
C ARG A 25 -8.80 2.37 -11.15
N GLY A 26 -7.50 2.55 -11.44
CA GLY A 26 -6.54 3.28 -10.58
C GLY A 26 -6.86 4.77 -10.45
N ARG A 27 -5.94 5.55 -9.84
CA ARG A 27 -6.23 6.97 -9.52
C ARG A 27 -6.06 7.92 -10.74
N PHE A 28 -4.87 7.83 -11.33
CA PHE A 28 -4.40 8.70 -12.42
C PHE A 28 -4.26 7.89 -13.72
N GLY A 29 -4.73 6.65 -13.70
CA GLY A 29 -4.43 5.65 -14.73
C GLY A 29 -5.42 4.52 -14.60
N CYS A 30 -5.36 3.55 -15.49
CA CYS A 30 -6.37 2.49 -15.49
C CYS A 30 -5.67 1.19 -15.95
N VAL A 31 -5.87 0.11 -15.16
CA VAL A 31 -5.08 -1.12 -15.32
C VAL A 31 -5.86 -2.14 -16.07
N TRP A 32 -5.27 -2.56 -17.16
CA TRP A 32 -5.79 -3.55 -18.03
C TRP A 32 -5.03 -4.87 -17.81
N LYS A 33 -5.74 -5.99 -17.68
CA LYS A 33 -5.13 -7.24 -18.02
C LYS A 33 -4.70 -7.25 -19.51
N ALA A 34 -3.49 -7.70 -19.83
CA ALA A 34 -3.05 -7.74 -21.19
C ALA A 34 -2.23 -8.97 -21.41
N GLN A 35 -2.01 -9.32 -22.68
CA GLN A 35 -1.27 -10.54 -23.08
C GLN A 35 0.04 -10.19 -23.76
N LEU A 36 1.12 -10.83 -23.34
CA LEU A 36 2.41 -10.51 -23.94
C LEU A 36 3.14 -11.82 -24.15
N MET A 37 3.44 -12.15 -25.38
CA MET A 37 4.03 -13.42 -25.58
C MET A 37 3.08 -14.52 -24.99
N ASN A 38 3.60 -15.46 -24.22
CA ASN A 38 2.74 -16.54 -23.75
C ASN A 38 2.21 -16.33 -22.34
N ASP A 39 2.22 -15.08 -21.90
CA ASP A 39 1.94 -14.72 -20.55
C ASP A 39 1.11 -13.47 -20.48
N PHE A 40 0.71 -13.14 -19.27
CA PHE A 40 -0.04 -11.94 -19.01
C PHE A 40 0.81 -10.87 -18.35
N VAL A 41 0.46 -9.61 -18.57
CA VAL A 41 1.19 -8.47 -18.04
C VAL A 41 0.07 -7.48 -17.63
N ALA A 42 0.27 -6.53 -16.67
CA ALA A 42 -0.70 -5.48 -16.37
C ALA A 42 -0.25 -4.23 -17.10
N VAL A 43 -1.19 -3.54 -17.76
CA VAL A 43 -0.84 -2.34 -18.50
C VAL A 43 -1.63 -1.22 -17.93
N LYS A 44 -0.97 -0.26 -17.35
CA LYS A 44 -1.65 0.90 -16.83
C LYS A 44 -1.50 2.01 -17.82
N ILE A 45 -2.66 2.57 -18.18
CA ILE A 45 -2.74 3.58 -19.19
C ILE A 45 -3.10 4.92 -18.53
N PHE A 46 -2.23 5.90 -18.77
CA PHE A 46 -2.44 7.20 -18.24
C PHE A 46 -2.95 8.10 -19.39
N PRO A 47 -4.02 8.87 -19.15
CA PRO A 47 -4.28 9.82 -20.19
C PRO A 47 -3.12 10.79 -20.26
N LEU A 48 -2.96 11.46 -21.39
CA LEU A 48 -1.87 12.38 -21.57
C LEU A 48 -1.76 13.55 -20.51
N GLN A 49 -2.85 13.99 -19.86
CA GLN A 49 -2.76 14.95 -18.72
C GLN A 49 -2.12 14.39 -17.45
N ASP A 50 -1.99 13.07 -17.38
CA ASP A 50 -1.38 12.40 -16.23
C ASP A 50 0.04 11.92 -16.54
N LYS A 51 0.68 12.55 -17.51
CA LYS A 51 2.07 12.21 -17.88
C LYS A 51 2.98 12.25 -16.66
N GLN A 52 2.69 13.17 -15.77
CA GLN A 52 3.62 13.38 -14.71
C GLN A 52 3.44 12.35 -13.62
N SER A 53 2.28 11.70 -13.56
CA SER A 53 2.14 10.49 -12.73
C SER A 53 2.80 9.28 -13.32
N TRP A 54 2.87 9.22 -14.65
CA TRP A 54 3.49 8.10 -15.35
C TRP A 54 5.00 8.26 -15.23
N GLN A 55 5.48 9.49 -15.30
CA GLN A 55 6.91 9.74 -15.18
C GLN A 55 7.37 9.57 -13.75
N SER A 56 6.61 10.10 -12.80
CA SER A 56 6.86 9.75 -11.37
C SER A 56 6.97 8.24 -11.14
N GLU A 57 5.92 7.54 -11.50
CA GLU A 57 5.86 6.10 -11.28
C GLU A 57 7.01 5.34 -11.98
N ARG A 58 7.39 5.70 -13.19
CA ARG A 58 8.52 5.03 -13.89
C ARG A 58 9.87 5.33 -13.27
N GLU A 59 10.07 6.57 -12.79
CA GLU A 59 11.29 6.92 -12.00
C GLU A 59 11.41 6.13 -10.70
N ILE A 60 10.38 6.06 -9.88
CA ILE A 60 10.42 5.13 -8.76
C ILE A 60 10.81 3.71 -9.19
N PHE A 61 10.12 3.09 -10.16
CA PHE A 61 10.43 1.70 -10.56
C PHE A 61 11.84 1.55 -11.02
N SER A 62 12.43 2.61 -11.56
CA SER A 62 13.79 2.61 -12.14
C SER A 62 14.93 2.86 -11.11
N THR A 63 14.58 3.10 -9.86
CA THR A 63 15.53 3.28 -8.80
C THR A 63 16.29 1.98 -8.54
N PRO A 64 17.60 2.09 -8.24
CA PRO A 64 18.33 0.89 -7.85
C PRO A 64 17.67 0.07 -6.76
N GLY A 65 17.85 -1.23 -6.91
CA GLY A 65 17.39 -2.20 -5.95
C GLY A 65 15.90 -2.42 -5.81
N MET A 66 15.07 -2.06 -6.81
CA MET A 66 13.54 -2.15 -6.67
C MET A 66 13.14 -3.57 -7.16
N LYS A 67 14.05 -4.33 -7.71
CA LYS A 67 13.80 -5.81 -7.82
C LYS A 67 13.59 -6.58 -6.50
N HIS A 68 12.33 -6.71 -6.03
CA HIS A 68 12.14 -7.34 -4.79
C HIS A 68 10.84 -8.09 -4.76
N GLU A 69 10.85 -9.18 -3.99
CA GLU A 69 9.90 -10.23 -4.20
C GLU A 69 8.55 -9.60 -3.82
N ASN A 70 8.57 -8.59 -2.95
CA ASN A 70 7.30 -8.06 -2.43
C ASN A 70 7.00 -6.63 -2.93
N LEU A 71 7.65 -6.23 -3.99
CA LEU A 71 7.27 -5.03 -4.67
C LEU A 71 6.91 -5.34 -6.09
N LEU A 72 5.88 -4.66 -6.60
CA LEU A 72 5.45 -4.95 -7.93
C LEU A 72 6.57 -4.83 -8.87
N GLN A 73 6.67 -5.75 -9.80
CA GLN A 73 7.76 -5.70 -10.79
C GLN A 73 7.44 -5.02 -12.14
N PHE A 74 8.40 -4.18 -12.57
CA PHE A 74 8.37 -3.32 -13.68
C PHE A 74 8.94 -4.05 -14.90
N ILE A 75 8.23 -3.93 -16.03
CA ILE A 75 8.61 -4.41 -17.31
C ILE A 75 9.02 -3.31 -18.28
N ALA A 76 8.13 -2.34 -18.51
CA ALA A 76 8.40 -1.31 -19.53
C ALA A 76 7.51 -0.06 -19.34
N ALA A 77 7.98 1.09 -19.81
CA ALA A 77 7.21 2.32 -19.96
C ALA A 77 7.26 2.71 -21.44
N GLU A 78 6.11 2.91 -22.08
CA GLU A 78 5.97 3.27 -23.51
C GLU A 78 5.17 4.55 -23.69
N LYS A 79 5.82 5.51 -24.35
CA LYS A 79 5.27 6.81 -24.82
C LYS A 79 4.61 6.53 -26.15
N ARG A 80 3.44 5.87 -26.12
CA ARG A 80 2.70 5.50 -27.36
C ARG A 80 2.29 6.74 -28.24
N GLY A 81 3.28 7.39 -28.89
CA GLY A 81 3.04 8.36 -29.96
C GLY A 81 3.55 9.80 -29.84
N SER A 82 2.88 10.72 -30.68
CA SER A 82 3.06 12.19 -30.77
C SER A 82 1.78 12.97 -30.54
N ASN A 83 1.79 14.26 -30.76
CA ASN A 83 0.68 15.14 -30.35
C ASN A 83 -0.79 14.68 -30.41
N LEU A 84 -1.45 14.78 -29.24
CA LEU A 84 -2.91 14.51 -28.98
C LEU A 84 -3.32 13.03 -29.20
N GLU A 85 -2.37 12.23 -29.67
CA GLU A 85 -2.57 10.80 -29.92
C GLU A 85 -1.91 10.00 -28.77
N VAL A 86 -0.75 10.48 -28.32
CA VAL A 86 -0.03 10.04 -27.08
C VAL A 86 -0.91 9.39 -25.97
N GLU A 87 -0.66 8.09 -25.69
CA GLU A 87 -1.02 7.52 -24.38
C GLU A 87 0.24 7.09 -23.71
N LEU A 88 0.17 6.97 -22.40
CA LEU A 88 1.33 6.63 -21.59
C LEU A 88 1.01 5.32 -20.95
N TRP A 89 1.78 4.31 -21.35
CA TRP A 89 1.59 2.92 -20.88
C TRP A 89 2.73 2.57 -19.93
N LEU A 90 2.38 1.90 -18.85
CA LEU A 90 3.38 1.39 -17.87
C LEU A 90 3.08 -0.10 -17.71
N ILE A 91 3.99 -0.99 -18.13
CA ILE A 91 3.74 -2.45 -18.14
C ILE A 91 4.47 -3.07 -16.93
N THR A 92 3.71 -3.74 -16.04
CA THR A 92 4.26 -4.41 -14.92
C THR A 92 3.72 -5.84 -14.99
N ALA A 93 4.05 -6.62 -13.97
CA ALA A 93 3.64 -8.00 -13.86
C ALA A 93 2.19 -8.00 -13.52
N PHE A 94 1.55 -9.10 -13.86
CA PHE A 94 0.11 -9.19 -13.65
C PHE A 94 -0.01 -10.23 -12.57
N HIS A 95 -0.91 -9.93 -11.61
CA HIS A 95 -1.17 -10.74 -10.42
C HIS A 95 -2.66 -11.05 -10.45
N ASP A 96 -2.93 -12.25 -10.96
CA ASP A 96 -4.28 -12.66 -11.29
C ASP A 96 -5.18 -12.58 -10.08
N LYS A 97 -4.64 -12.90 -8.90
CA LYS A 97 -5.43 -12.91 -7.70
C LYS A 97 -5.91 -11.52 -7.32
N GLY A 98 -5.20 -10.46 -7.78
CA GLY A 98 -5.74 -9.13 -7.70
C GLY A 98 -5.30 -8.48 -6.40
N SER A 99 -6.08 -7.51 -5.92
CA SER A 99 -5.73 -6.78 -4.75
C SER A 99 -6.35 -7.34 -3.50
N LEU A 100 -5.75 -6.94 -2.37
CA LEU A 100 -6.10 -7.33 -1.07
C LEU A 100 -7.47 -6.87 -0.72
N THR A 101 -7.82 -5.63 -1.02
CA THR A 101 -9.16 -5.15 -0.69
C THR A 101 -10.26 -6.06 -1.35
N ASP A 102 -10.17 -6.32 -2.65
CA ASP A 102 -11.20 -7.18 -3.28
C ASP A 102 -11.11 -8.61 -2.77
N TYR A 103 -9.88 -9.07 -2.48
CA TYR A 103 -9.71 -10.43 -1.92
C TYR A 103 -10.45 -10.54 -0.61
N LEU A 104 -10.18 -9.62 0.32
CA LEU A 104 -10.89 -9.52 1.60
C LEU A 104 -12.37 -9.38 1.34
N LYS A 105 -12.72 -8.79 0.21
CA LYS A 105 -14.19 -8.51 0.03
C LYS A 105 -14.95 -9.83 -0.15
N GLY A 106 -14.31 -10.74 -0.87
CA GLY A 106 -14.86 -12.03 -1.14
C GLY A 106 -14.28 -13.26 -0.48
N ASN A 107 -13.29 -13.16 0.40
CA ASN A 107 -12.83 -14.33 1.11
C ASN A 107 -12.54 -14.03 2.54
N ILE A 108 -12.77 -15.01 3.38
CA ILE A 108 -12.36 -14.98 4.78
C ILE A 108 -11.09 -15.84 4.90
N ILE A 109 -10.05 -15.29 5.53
CA ILE A 109 -8.71 -15.93 5.50
C ILE A 109 -8.35 -16.66 6.79
N THR A 110 -7.49 -17.68 6.60
CA THR A 110 -6.98 -18.46 7.72
C THR A 110 -5.87 -17.65 8.50
N TRP A 111 -5.62 -18.11 9.72
CA TRP A 111 -4.62 -17.48 10.55
C TRP A 111 -3.32 -17.61 9.80
N ASN A 112 -2.95 -18.78 9.26
CA ASN A 112 -1.68 -18.80 8.50
C ASN A 112 -1.65 -17.83 7.32
N GLU A 113 -2.80 -17.57 6.67
CA GLU A 113 -2.81 -16.71 5.49
C GLU A 113 -2.60 -15.29 5.96
N LEU A 114 -3.38 -14.90 7.01
CA LEU A 114 -3.23 -13.58 7.61
C LEU A 114 -1.76 -13.31 7.96
N CYS A 115 -1.16 -14.23 8.67
CA CYS A 115 0.22 -14.07 9.06
C CYS A 115 1.17 -13.94 7.86
N HIS A 116 0.90 -14.69 6.84
CA HIS A 116 1.74 -14.62 5.61
C HIS A 116 1.55 -13.26 4.84
N VAL A 117 0.33 -12.78 4.67
CA VAL A 117 0.04 -11.51 4.00
C VAL A 117 0.53 -10.40 4.89
N ALA A 118 0.37 -10.53 6.20
CA ALA A 118 0.85 -9.45 7.11
C ALA A 118 2.39 -9.38 7.07
N GLU A 119 3.08 -10.50 7.19
CA GLU A 119 4.53 -10.46 7.21
C GLU A 119 5.16 -10.07 5.89
N THR A 120 4.60 -10.54 4.77
CA THR A 120 5.16 -10.18 3.45
C THR A 120 4.78 -8.74 3.11
N MET A 121 3.64 -8.24 3.59
CA MET A 121 3.22 -6.88 3.29
C MET A 121 4.16 -5.96 4.11
N SER A 122 4.46 -6.27 5.36
CA SER A 122 5.39 -5.41 6.13
C SER A 122 6.84 -5.61 5.70
N ARG A 123 7.13 -6.77 5.25
CA ARG A 123 8.40 -6.95 4.62
C ARG A 123 8.60 -6.06 3.43
N GLY A 124 7.64 -6.00 2.47
CA GLY A 124 7.73 -5.18 1.21
C GLY A 124 7.76 -3.66 1.62
N LEU A 125 6.92 -3.29 2.56
CA LEU A 125 7.00 -1.90 3.15
C LEU A 125 8.26 -1.53 3.86
N SER A 126 8.73 -2.33 4.85
CA SER A 126 10.03 -2.10 5.43
C SER A 126 11.07 -2.01 4.31
N TYR A 127 10.94 -2.83 3.33
CA TYR A 127 12.01 -2.77 2.32
C TYR A 127 11.95 -1.50 1.41
N LEU A 128 10.74 -1.03 1.09
CA LEU A 128 10.53 0.23 0.38
C LEU A 128 11.16 1.33 1.23
N HIS A 129 10.74 1.41 2.51
CA HIS A 129 11.27 2.28 3.55
C HIS A 129 12.89 2.26 3.76
N GLU A 130 13.55 1.18 3.32
CA GLU A 130 14.93 0.95 3.64
C GLU A 130 15.88 1.63 2.67
N ASP A 131 16.86 2.34 3.23
CA ASP A 131 17.97 2.92 2.47
C ASP A 131 19.00 1.86 2.36
N VAL A 132 19.42 1.56 1.14
CA VAL A 132 20.42 0.44 0.99
C VAL A 132 21.60 1.13 0.38
N PRO A 133 22.67 1.32 1.18
CA PRO A 133 23.85 2.00 0.71
C PRO A 133 24.22 1.62 -0.75
N TRP A 134 24.23 0.32 -1.06
CA TRP A 134 24.48 -0.12 -2.42
C TRP A 134 23.83 -1.48 -2.66
N CYS A 135 23.28 -1.58 -3.87
CA CYS A 135 22.73 -2.76 -4.56
C CYS A 135 23.66 -3.13 -5.74
N ARG A 136 24.28 -4.30 -5.78
CA ARG A 136 25.25 -4.53 -6.88
C ARG A 136 24.72 -4.38 -8.34
N GLY A 137 25.62 -3.96 -9.23
CA GLY A 137 25.29 -3.51 -10.60
C GLY A 137 24.32 -2.33 -10.77
N GLU A 138 23.76 -1.82 -9.68
CA GLU A 138 22.64 -0.88 -9.75
C GLU A 138 22.95 0.45 -9.04
N GLY A 139 23.26 0.38 -7.73
CA GLY A 139 23.69 1.54 -7.03
C GLY A 139 22.88 1.73 -5.81
N HIS A 140 22.73 2.98 -5.41
CA HIS A 140 22.12 3.36 -4.14
C HIS A 140 20.63 3.30 -4.22
N LYS A 141 20.03 2.54 -3.31
CA LYS A 141 18.60 2.65 -3.10
C LYS A 141 18.24 3.51 -1.85
N PRO A 142 17.62 4.71 -2.06
CA PRO A 142 17.27 5.52 -0.96
C PRO A 142 15.98 5.01 -0.25
N SER A 143 15.68 5.43 0.97
CA SER A 143 14.31 5.14 1.42
C SER A 143 13.27 5.78 0.48
N ILE A 144 12.10 5.12 0.35
CA ILE A 144 10.93 5.62 -0.38
C ILE A 144 9.68 5.61 0.54
N ALA A 145 8.99 6.74 0.66
CA ALA A 145 7.68 6.74 1.36
C ALA A 145 6.66 6.42 0.25
N HIS A 146 5.74 5.52 0.49
CA HIS A 146 4.63 5.24 -0.45
C HIS A 146 3.72 6.36 -0.73
N ARG A 147 3.17 6.90 0.33
CA ARG A 147 2.33 8.07 0.26
C ARG A 147 0.84 7.78 -0.12
N ASP A 148 0.50 6.58 -0.60
CA ASP A 148 -0.92 6.16 -0.72
C ASP A 148 -1.01 4.65 -0.36
N PHE A 149 -0.65 4.30 0.88
CA PHE A 149 -0.58 2.88 1.26
C PHE A 149 -1.98 2.48 1.66
N LYS A 150 -2.45 1.31 1.17
CA LYS A 150 -3.86 0.87 1.38
C LYS A 150 -3.98 -0.48 0.78
N SER A 151 -5.07 -1.17 1.08
CA SER A 151 -5.28 -2.53 0.68
C SER A 151 -5.57 -2.56 -0.82
N LYS A 152 -6.04 -1.47 -1.48
CA LYS A 152 -6.02 -1.43 -2.96
C LYS A 152 -4.66 -1.58 -3.60
N ASN A 153 -3.67 -1.07 -2.90
CA ASN A 153 -2.31 -1.00 -3.39
C ASN A 153 -1.37 -2.12 -2.89
N VAL A 154 -1.96 -3.23 -2.42
CA VAL A 154 -1.26 -4.47 -1.97
C VAL A 154 -1.89 -5.53 -2.89
N LEU A 155 -1.14 -5.97 -3.83
CA LEU A 155 -1.62 -7.04 -4.72
C LEU A 155 -1.19 -8.42 -4.07
N LEU A 156 -1.72 -9.52 -4.58
CA LEU A 156 -1.54 -10.83 -3.97
C LEU A 156 -1.11 -11.82 -5.02
N LYS A 157 0.02 -12.51 -4.86
CA LYS A 157 0.44 -13.69 -5.71
C LYS A 157 -0.49 -14.91 -5.53
N SER A 158 -0.29 -15.96 -6.37
CA SER A 158 -1.01 -17.24 -6.22
C SER A 158 -1.05 -17.79 -4.75
N ASP A 159 0.09 -17.68 -4.08
CA ASP A 159 0.21 -18.12 -2.69
C ASP A 159 -0.13 -17.06 -1.61
N LEU A 160 -0.77 -15.94 -1.97
CA LEU A 160 -1.09 -14.82 -1.04
C LEU A 160 0.10 -13.90 -0.61
N THR A 161 1.29 -14.09 -1.17
CA THR A 161 2.41 -13.15 -1.01
C THR A 161 1.98 -11.73 -1.45
N ALA A 162 2.13 -10.76 -0.53
CA ALA A 162 1.88 -9.34 -0.81
C ALA A 162 2.92 -8.74 -1.73
N VAL A 163 2.40 -7.88 -2.61
CA VAL A 163 3.11 -7.10 -3.53
C VAL A 163 2.58 -5.68 -3.43
N LEU A 164 3.41 -4.77 -2.97
CA LEU A 164 3.12 -3.36 -3.13
C LEU A 164 3.14 -2.80 -4.50
N ALA A 165 2.17 -1.95 -4.78
CA ALA A 165 1.94 -1.45 -6.13
C ALA A 165 1.49 0.02 -6.04
N ASP A 166 1.53 0.67 -7.19
CA ASP A 166 1.02 2.02 -7.37
C ASP A 166 1.95 3.07 -6.66
N PHE A 167 3.06 3.35 -7.33
CA PHE A 167 4.12 4.25 -6.84
C PHE A 167 4.09 5.59 -7.46
N GLY A 168 2.90 6.03 -7.91
CA GLY A 168 2.73 7.27 -8.60
C GLY A 168 2.88 8.50 -7.71
N LEU A 169 2.78 8.29 -6.36
CA LEU A 169 2.88 9.28 -5.30
C LEU A 169 4.11 9.07 -4.40
N ALA A 170 4.93 8.04 -4.69
CA ALA A 170 6.01 7.65 -3.83
C ALA A 170 7.08 8.73 -3.97
N VAL A 171 7.83 8.99 -2.91
CA VAL A 171 8.85 9.98 -2.91
C VAL A 171 10.15 9.38 -2.28
N ARG A 172 11.25 9.51 -3.02
CA ARG A 172 12.55 9.14 -2.54
C ARG A 172 13.15 10.16 -1.58
N PHE A 173 13.89 9.67 -0.58
CA PHE A 173 14.70 10.51 0.28
C PHE A 173 16.16 10.37 -0.06
N GLU A 174 16.62 11.17 -1.02
CA GLU A 174 17.93 11.00 -1.59
C GLU A 174 18.65 12.35 -1.60
N PRO A 175 19.43 12.67 -0.56
CA PRO A 175 20.18 13.93 -0.65
C PRO A 175 20.81 14.10 -2.04
N GLY A 176 20.49 15.23 -2.69
CA GLY A 176 21.13 15.61 -3.95
C GLY A 176 20.35 15.34 -5.22
N LYS A 177 19.48 14.35 -5.18
CA LYS A 177 18.58 14.10 -6.30
C LYS A 177 17.18 14.53 -5.83
N PRO A 178 16.81 15.83 -5.99
CA PRO A 178 15.54 16.22 -5.36
C PRO A 178 14.37 15.70 -6.19
N PRO A 179 13.18 15.69 -5.60
CA PRO A 179 12.07 15.31 -6.48
C PRO A 179 11.42 16.53 -7.20
N GLY A 180 10.41 16.25 -8.05
CA GLY A 180 9.48 17.28 -8.56
C GLY A 180 8.57 17.87 -7.47
N ASP A 181 7.48 18.50 -7.89
CA ASP A 181 6.51 19.02 -6.92
C ASP A 181 5.98 17.89 -6.02
N THR A 182 6.24 18.04 -4.73
CA THR A 182 5.74 17.15 -3.71
C THR A 182 4.73 17.88 -2.78
N HIS A 183 3.46 17.47 -2.81
CA HIS A 183 2.45 18.17 -2.05
C HIS A 183 2.10 17.53 -0.69
N GLY A 184 1.46 18.25 0.21
CA GLY A 184 1.23 17.76 1.56
C GLY A 184 0.18 16.66 1.63
N GLN A 185 -1.02 16.94 1.16
CA GLN A 185 -2.15 16.03 1.30
C GLN A 185 -2.43 15.41 -0.04
N VAL A 186 -1.81 14.26 -0.29
CA VAL A 186 -1.90 13.60 -1.59
C VAL A 186 -2.55 12.21 -1.43
N GLY A 187 -2.60 11.64 -0.23
CA GLY A 187 -3.11 10.28 -0.06
C GLY A 187 -4.63 10.09 0.03
N THR A 188 -5.10 8.83 -0.13
CA THR A 188 -6.52 8.50 0.14
C THR A 188 -6.90 9.01 1.49
N ARG A 189 -7.96 9.78 1.56
CA ARG A 189 -8.34 10.42 2.78
C ARG A 189 -8.56 9.49 4.01
N ARG A 190 -9.30 8.38 3.82
CA ARG A 190 -9.67 7.43 4.92
C ARG A 190 -8.47 6.88 5.71
N TYR A 191 -7.30 6.87 5.06
CA TYR A 191 -6.05 6.30 5.58
C TYR A 191 -5.00 7.33 5.99
N MET A 192 -5.45 8.58 6.05
CA MET A 192 -4.60 9.73 6.39
C MET A 192 -4.36 9.81 7.84
N ALA A 193 -3.08 9.80 8.25
CA ALA A 193 -2.63 10.10 9.63
C ALA A 193 -3.12 11.46 10.10
N PRO A 194 -3.31 11.66 11.42
CA PRO A 194 -3.83 12.94 11.88
C PRO A 194 -2.93 14.12 11.49
N GLU A 195 -1.63 13.99 11.65
CA GLU A 195 -0.68 14.95 11.08
C GLU A 195 -1.13 15.45 9.74
N VAL A 196 -1.71 14.57 8.93
CA VAL A 196 -1.87 14.82 7.48
C VAL A 196 -3.15 15.54 7.27
N LEU A 197 -4.22 14.94 7.79
CA LEU A 197 -5.51 15.64 7.96
C LEU A 197 -5.35 17.13 8.37
N GLU A 198 -4.74 17.40 9.53
CA GLU A 198 -4.35 18.76 10.02
C GLU A 198 -3.30 19.58 9.20
N GLY A 199 -2.72 19.02 8.13
CA GLY A 199 -1.87 19.79 7.22
C GLY A 199 -0.50 20.15 7.74
N ALA A 200 0.11 19.27 8.53
CA ALA A 200 1.21 19.68 9.32
C ALA A 200 2.45 18.87 9.10
N ILE A 201 2.98 18.74 7.87
CA ILE A 201 3.95 17.61 7.65
C ILE A 201 5.40 17.86 7.24
N ASN A 202 6.35 17.65 8.14
CA ASN A 202 7.78 17.83 7.78
C ASN A 202 8.34 16.99 6.64
N PHE A 203 9.00 17.64 5.68
CA PHE A 203 9.56 16.92 4.57
C PHE A 203 10.79 16.21 5.05
N GLN A 204 10.57 15.25 5.94
CA GLN A 204 11.63 14.46 6.52
C GLN A 204 11.25 13.02 6.41
N ARG A 205 12.25 12.20 6.22
CA ARG A 205 12.07 10.83 5.98
C ARG A 205 11.27 10.18 7.12
N ASP A 206 11.73 10.32 8.35
CA ASP A 206 11.05 9.61 9.43
C ASP A 206 9.61 10.01 9.44
N ALA A 207 9.38 11.28 9.18
CA ALA A 207 7.99 11.84 9.18
C ALA A 207 7.10 11.20 8.12
N PHE A 208 7.62 10.90 6.91
CA PHE A 208 6.75 10.37 5.90
C PHE A 208 6.50 8.91 6.18
N LEU A 209 7.54 8.23 6.66
CA LEU A 209 7.47 6.80 6.98
C LEU A 209 6.40 6.53 8.00
N ARG A 210 6.32 7.39 8.99
CA ARG A 210 5.36 7.21 9.99
C ARG A 210 3.96 7.44 9.47
N ILE A 211 3.85 8.20 8.36
CA ILE A 211 2.54 8.44 7.79
C ILE A 211 2.14 7.15 7.07
N ASP A 212 3.07 6.50 6.37
CA ASP A 212 2.81 5.21 5.81
C ASP A 212 2.38 4.18 6.87
N MET A 213 2.95 4.25 8.09
CA MET A 213 2.81 3.22 9.14
C MET A 213 1.43 3.33 9.75
N TYR A 214 0.94 4.56 9.88
CA TYR A 214 -0.48 4.75 10.32
C TYR A 214 -1.39 4.03 9.32
N ALA A 215 -1.27 4.30 8.03
CA ALA A 215 -2.02 3.50 7.02
C ALA A 215 -1.81 1.97 6.98
N MET A 216 -0.59 1.44 7.17
CA MET A 216 -0.43 -0.01 7.25
C MET A 216 -1.22 -0.52 8.50
N GLY A 217 -1.25 0.24 9.58
CA GLY A 217 -2.04 -0.08 10.77
C GLY A 217 -3.47 -0.42 10.36
N LEU A 218 -4.10 0.44 9.55
CA LEU A 218 -5.51 0.23 9.15
C LEU A 218 -5.59 -0.97 8.24
N VAL A 219 -4.60 -1.17 7.35
CA VAL A 219 -4.52 -2.41 6.53
C VAL A 219 -4.41 -3.72 7.29
N LEU A 220 -3.70 -3.67 8.40
CA LEU A 220 -3.69 -4.76 9.33
C LEU A 220 -4.99 -5.07 9.95
N TRP A 221 -5.64 -4.03 10.50
CA TRP A 221 -7.01 -4.14 10.93
C TRP A 221 -7.94 -4.89 9.88
N GLU A 222 -7.95 -4.42 8.63
CA GLU A 222 -8.72 -5.04 7.61
C GLU A 222 -8.46 -6.54 7.50
N LEU A 223 -7.20 -6.95 7.39
CA LEU A 223 -6.87 -8.38 7.52
C LEU A 223 -7.47 -9.07 8.73
N VAL A 224 -7.27 -8.50 9.94
CA VAL A 224 -7.77 -9.12 11.21
C VAL A 224 -9.30 -9.25 11.10
N SER A 225 -9.91 -8.25 10.47
CA SER A 225 -11.44 -8.19 10.46
C SER A 225 -12.15 -9.24 9.58
N ARG A 226 -11.44 -9.83 8.65
CA ARG A 226 -11.89 -10.97 7.85
C ARG A 226 -11.09 -12.28 8.04
N CYS A 227 -10.51 -12.47 9.24
CA CYS A 227 -9.81 -13.73 9.56
C CYS A 227 -10.74 -14.67 10.34
N LYS A 228 -10.73 -15.97 10.04
CA LYS A 228 -11.28 -16.97 11.01
C LYS A 228 -10.52 -17.01 12.40
N ALA A 229 -11.11 -16.29 13.37
CA ALA A 229 -10.50 -15.92 14.70
C ALA A 229 -10.85 -16.93 15.76
N ALA A 230 -10.31 -18.17 15.60
CA ALA A 230 -10.75 -19.45 16.27
C ALA A 230 -12.11 -19.55 17.08
N ASP A 231 -13.09 -18.65 16.83
CA ASP A 231 -14.39 -18.64 17.61
C ASP A 231 -15.60 -17.99 16.90
N GLY A 232 -15.73 -16.68 17.08
CA GLY A 232 -16.92 -15.92 16.67
C GLY A 232 -17.11 -15.86 15.16
N PRO A 233 -18.29 -15.34 14.72
CA PRO A 233 -18.56 -15.31 13.26
C PRO A 233 -17.74 -14.19 12.66
N VAL A 234 -17.45 -14.27 11.37
CA VAL A 234 -16.70 -13.16 10.83
C VAL A 234 -17.59 -12.25 9.97
N ASP A 235 -17.51 -10.96 10.26
CA ASP A 235 -18.36 -9.99 9.61
C ASP A 235 -17.95 -9.74 8.15
N GLU A 236 -18.86 -9.13 7.42
CA GLU A 236 -18.66 -8.84 6.03
C GLU A 236 -17.66 -7.71 5.95
N TYR A 237 -16.85 -7.73 4.93
CA TYR A 237 -15.80 -6.73 4.84
C TYR A 237 -16.27 -5.25 4.83
N MET A 238 -15.70 -4.36 5.62
CA MET A 238 -15.82 -2.89 5.47
C MET A 238 -14.46 -2.25 5.45
N LEU A 239 -14.39 -1.12 4.76
CA LEU A 239 -13.22 -0.28 4.67
C LEU A 239 -12.97 0.37 6.00
N PRO A 240 -11.68 0.82 6.26
CA PRO A 240 -11.52 1.58 7.50
C PRO A 240 -12.47 2.83 7.65
N PHE A 241 -13.16 2.97 8.75
CA PHE A 241 -14.07 4.08 8.99
C PHE A 241 -15.34 4.07 8.10
N GLU A 242 -15.46 3.16 7.12
CA GLU A 242 -16.73 3.09 6.36
C GLU A 242 -17.89 2.97 7.33
N GLU A 243 -17.67 2.32 8.47
CA GLU A 243 -18.72 2.08 9.51
C GLU A 243 -19.08 3.28 10.42
N GLU A 244 -18.09 4.16 10.60
CA GLU A 244 -18.20 5.37 11.44
C GLU A 244 -18.69 6.51 10.59
N ILE A 245 -17.90 6.99 9.62
CA ILE A 245 -18.48 7.94 8.64
C ILE A 245 -18.87 7.22 7.33
N GLY A 246 -18.52 7.74 6.17
CA GLY A 246 -18.84 6.92 5.01
C GLY A 246 -17.67 6.24 4.37
N GLN A 247 -17.94 5.42 3.35
CA GLN A 247 -16.92 5.11 2.35
C GLN A 247 -16.14 6.38 1.91
N HIS A 248 -16.85 7.51 1.71
CA HIS A 248 -16.20 8.76 1.32
C HIS A 248 -16.21 9.95 2.28
N PRO A 249 -17.38 10.46 2.63
CA PRO A 249 -17.29 11.76 3.39
C PRO A 249 -15.86 12.31 3.84
N SER A 250 -15.74 13.66 3.91
CA SER A 250 -14.54 14.48 3.53
C SER A 250 -13.53 14.86 4.63
N LEU A 251 -12.51 15.64 4.21
CA LEU A 251 -11.46 16.13 5.06
C LEU A 251 -12.02 16.53 6.40
N GLU A 252 -13.21 17.07 6.38
CA GLU A 252 -13.83 17.65 7.58
C GLU A 252 -14.39 16.60 8.59
N GLU A 253 -15.04 15.54 8.12
CA GLU A 253 -15.54 14.46 9.00
C GLU A 253 -14.45 13.55 9.53
N LEU A 254 -13.46 13.25 8.68
CA LEU A 254 -12.33 12.49 9.16
C LEU A 254 -11.66 13.27 10.28
N GLN A 255 -11.55 14.60 10.11
CA GLN A 255 -10.91 15.51 11.06
C GLN A 255 -11.62 15.42 12.42
N GLU A 256 -12.95 15.41 12.42
CA GLU A 256 -13.69 15.11 13.65
C GLU A 256 -13.33 13.77 14.25
N VAL A 257 -13.57 12.69 13.49
CA VAL A 257 -13.53 11.32 14.02
C VAL A 257 -12.09 10.91 14.36
N VAL A 258 -11.17 11.25 13.46
CA VAL A 258 -9.79 10.79 13.56
C VAL A 258 -8.93 11.68 14.49
N VAL A 259 -8.94 13.00 14.26
CA VAL A 259 -8.12 13.94 15.03
C VAL A 259 -8.75 14.40 16.33
N HIS A 260 -9.93 14.97 16.23
CA HIS A 260 -10.54 15.58 17.40
C HIS A 260 -11.09 14.56 18.39
N LYS A 261 -11.88 13.61 17.90
CA LYS A 261 -12.48 12.59 18.77
C LYS A 261 -11.59 11.37 19.04
N LYS A 262 -10.52 11.22 18.24
CA LYS A 262 -9.51 10.23 18.40
C LYS A 262 -9.75 8.76 17.99
N MET A 263 -10.81 8.49 17.22
CA MET A 263 -11.25 7.12 16.95
C MET A 263 -10.55 6.34 15.84
N ARG A 264 -10.75 5.05 15.94
CA ARG A 264 -10.17 4.07 15.03
C ARG A 264 -11.18 3.00 14.87
N PRO A 265 -11.02 2.20 13.81
CA PRO A 265 -11.87 1.06 13.56
C PRO A 265 -11.88 0.13 14.80
N THR A 266 -13.04 -0.43 15.09
CA THR A 266 -13.25 -1.13 16.33
C THR A 266 -12.49 -2.44 16.27
N ILE A 267 -11.71 -2.63 17.33
CA ILE A 267 -11.20 -3.92 17.67
C ILE A 267 -12.26 -4.63 18.52
N LYS A 268 -12.74 -5.78 18.05
CA LYS A 268 -13.85 -6.49 18.67
C LYS A 268 -13.34 -7.21 19.92
N ASP A 269 -14.02 -7.08 21.04
CA ASP A 269 -13.74 -7.89 22.26
C ASP A 269 -13.40 -9.39 22.04
N HIS A 270 -14.30 -10.10 21.37
CA HIS A 270 -14.12 -11.52 21.17
C HIS A 270 -12.87 -11.82 20.32
N TRP A 271 -12.38 -10.85 19.57
CA TRP A 271 -11.13 -11.07 18.79
C TRP A 271 -9.97 -11.28 19.76
N LEU A 272 -10.00 -10.60 20.91
CA LEU A 272 -8.97 -10.61 21.97
C LEU A 272 -8.75 -11.95 22.70
N LYS A 273 -9.65 -12.91 22.48
CA LYS A 273 -9.61 -14.24 23.07
C LYS A 273 -8.81 -15.23 22.20
N HIS A 274 -8.23 -14.72 21.10
CA HIS A 274 -7.26 -15.48 20.28
C HIS A 274 -5.87 -14.92 20.56
N PRO A 275 -4.92 -15.75 21.11
CA PRO A 275 -3.60 -15.17 21.48
C PRO A 275 -2.79 -14.45 20.35
N GLY A 276 -2.85 -14.98 19.11
CA GLY A 276 -2.33 -14.34 17.92
C GLY A 276 -2.94 -12.99 17.53
N LEU A 277 -4.29 -12.90 17.56
CA LEU A 277 -5.01 -11.70 17.20
C LEU A 277 -4.94 -10.66 18.29
N ALA A 278 -4.98 -11.10 19.55
CA ALA A 278 -4.66 -10.18 20.63
C ALA A 278 -3.33 -9.43 20.45
N GLN A 279 -2.27 -10.13 20.03
CA GLN A 279 -0.95 -9.51 19.92
C GLN A 279 -0.86 -8.72 18.69
N LEU A 280 -1.40 -9.23 17.58
CA LEU A 280 -1.49 -8.40 16.38
C LEU A 280 -2.31 -7.11 16.62
N CYS A 281 -3.35 -7.11 17.45
CA CYS A 281 -4.05 -5.84 17.66
C CYS A 281 -3.28 -4.80 18.52
N VAL A 282 -2.57 -5.27 19.51
CA VAL A 282 -1.67 -4.43 20.25
C VAL A 282 -0.80 -3.69 19.24
N THR A 283 -0.26 -4.45 18.27
CA THR A 283 0.67 -3.94 17.25
C THR A 283 0.00 -2.88 16.34
N ILE A 284 -1.25 -3.14 15.96
CA ILE A 284 -2.10 -2.25 15.18
C ILE A 284 -2.24 -0.97 15.94
N GLU A 285 -2.64 -1.05 17.22
CA GLU A 285 -2.81 0.18 17.96
C GLU A 285 -1.54 1.00 18.08
N GLU A 286 -0.35 0.40 17.99
CA GLU A 286 0.85 1.21 18.12
C GLU A 286 1.09 1.83 16.75
N CYS A 287 0.80 1.08 15.69
CA CYS A 287 0.82 1.61 14.36
C CYS A 287 -0.05 2.82 14.13
N TRP A 288 -1.26 2.84 14.68
CA TRP A 288 -2.07 3.99 14.28
C TRP A 288 -2.19 5.00 15.42
N ASP A 289 -1.11 5.13 16.20
CA ASP A 289 -1.11 6.01 17.39
C ASP A 289 -1.23 7.45 16.94
N HIS A 290 -1.94 8.27 17.70
CA HIS A 290 -1.99 9.73 17.42
C HIS A 290 -0.60 10.31 17.30
N ASP A 291 0.26 10.00 18.29
CA ASP A 291 1.67 10.41 18.31
C ASP A 291 2.47 9.67 17.25
N ALA A 292 2.81 10.38 16.18
CA ALA A 292 3.65 9.83 15.08
C ALA A 292 4.96 9.14 15.53
N GLU A 293 5.66 9.79 16.45
CA GLU A 293 6.85 9.26 17.08
C GLU A 293 6.65 7.90 17.82
N ALA A 294 5.43 7.59 18.27
CA ALA A 294 5.11 6.32 18.95
C ALA A 294 4.83 5.12 18.07
N ARG A 295 4.76 5.31 16.75
CA ARG A 295 4.44 4.26 15.79
C ARG A 295 5.71 3.44 15.52
N LEU A 296 5.47 2.18 15.13
CA LEU A 296 6.50 1.19 14.95
C LEU A 296 6.96 1.39 13.55
N SER A 297 8.17 0.95 13.22
CA SER A 297 8.57 0.89 11.83
C SER A 297 8.08 -0.35 11.17
N ALA A 298 8.12 -0.40 9.81
CA ALA A 298 7.64 -1.55 9.06
C ALA A 298 8.43 -2.78 9.46
N GLY A 299 9.74 -2.59 9.68
CA GLY A 299 10.67 -3.69 10.00
C GLY A 299 10.40 -4.28 11.38
N CYS A 300 9.91 -3.45 12.30
CA CYS A 300 9.55 -3.90 13.59
C CYS A 300 8.21 -4.65 13.59
N VAL A 301 7.28 -4.27 12.73
CA VAL A 301 6.07 -5.04 12.39
C VAL A 301 6.38 -6.39 11.70
N GLU A 302 7.32 -6.43 10.74
CA GLU A 302 7.70 -7.71 10.09
C GLU A 302 8.16 -8.67 11.11
N GLU A 303 9.13 -8.27 11.93
CA GLU A 303 9.60 -9.01 13.11
C GLU A 303 8.52 -9.38 14.13
N ARG A 304 7.80 -8.42 14.68
CA ARG A 304 6.59 -8.82 15.40
C ARG A 304 5.73 -9.93 14.78
N VAL A 305 5.28 -9.80 13.54
CA VAL A 305 4.39 -10.78 12.89
C VAL A 305 5.03 -12.17 12.88
N SER A 306 6.28 -12.22 12.50
CA SER A 306 7.05 -13.45 12.54
C SER A 306 7.08 -14.21 13.88
N LEU A 307 7.23 -13.47 14.98
CA LEU A 307 7.33 -13.98 16.33
C LEU A 307 5.95 -14.20 16.93
N ILE A 308 4.89 -13.76 16.28
CA ILE A 308 3.55 -14.02 16.80
C ILE A 308 3.14 -15.32 16.13
N ARG A 309 3.52 -15.51 14.88
CA ARG A 309 3.26 -16.77 14.23
C ARG A 309 3.82 -17.94 15.02
N ARG A 310 4.99 -17.68 15.60
CA ARG A 310 5.80 -18.58 16.42
C ARG A 310 5.27 -18.84 17.84
N SER A 311 4.39 -17.98 18.37
CA SER A 311 3.55 -18.25 19.57
C SER A 311 2.74 -19.56 19.41
#